data_5R50
#
_entry.id   5R50
#
_cell.length_a   49.673
_cell.length_b   52.376
_cell.length_c   102.019
_cell.angle_alpha   90.000
_cell.angle_beta   90.000
_cell.angle_gamma   90.000
#
_symmetry.space_group_name_H-M   'P 21 21 21'
#
loop_
_entity.id
_entity.type
_entity.pdbx_description
1 polymer 'Uridine diphosphate glucose pyrophosphatase NUDT22'
2 non-polymer N-[4-(aminomethyl)phenyl]methanesulfonamide
3 non-polymer 'DIMETHYL SULFOXIDE'
4 water water
#
_entity_poly.entity_id   1
_entity_poly.type   'polypeptide(L)'
_entity_poly.pdbx_seq_one_letter_code
;SMDPEVTLLLQCPGGGLPQEQIQAELSPAHDRRPLPGGDEAITAIWETRLKAQPWLFDAPKFRLHSATLAPIGSRGPQLL
LRLGLTSYRDFLGTNWSSSAAWLRQQGATDWGDTQAYLADPLGVGAALATADDFLVFLRRSRQVAEAPGLVDVPGGHPEP
QALCPGGSPQHQDLAGQLVVHELFSSVLQEICDEVNLPLLTLSQPLLLGIARNETSAGRASAEFYVQCSLTSEQVRKHYL
SGGPEAHESTGIFFVETQNVRRLPETEMWAELCPSAKGAIILYNRVQGSPTGAALGSPALLPPL
;
_entity_poly.pdbx_strand_id   A
#
loop_
_chem_comp.id
_chem_comp.type
_chem_comp.name
_chem_comp.formula
DMS non-polymer 'DIMETHYL SULFOXIDE' 'C2 H6 O S'
RY4 non-polymer N-[4-(aminomethyl)phenyl]methanesulfonamide 'C8 H12 N2 O2 S'
#
# COMPACT_ATOMS: atom_id res chain seq x y z
N ASP A 3 0.41 -0.07 16.98
N ASP A 3 0.29 -0.07 17.05
CA ASP A 3 0.42 1.38 16.59
CA ASP A 3 0.42 1.36 16.63
C ASP A 3 -0.97 1.82 16.15
C ASP A 3 -0.93 1.87 16.10
N PRO A 4 -1.56 2.88 16.75
CA PRO A 4 -2.92 3.26 16.41
C PRO A 4 -3.07 3.93 15.04
N GLU A 5 -1.98 4.26 14.34
CA GLU A 5 -2.22 4.86 13.02
C GLU A 5 -2.21 3.76 11.96
N VAL A 6 -2.07 2.49 12.32
CA VAL A 6 -2.21 1.39 11.31
C VAL A 6 -2.99 0.20 11.89
N THR A 7 -3.99 -0.27 11.15
CA THR A 7 -4.78 -1.48 11.46
C THR A 7 -4.59 -2.50 10.34
N LEU A 8 -4.40 -3.76 10.69
CA LEU A 8 -4.27 -4.85 9.70
C LEU A 8 -5.67 -5.33 9.28
N LEU A 9 -6.00 -5.27 8.01
CA LEU A 9 -7.27 -5.84 7.49
C LEU A 9 -7.08 -7.31 7.10
N LEU A 10 -5.91 -7.67 6.59
CA LEU A 10 -5.63 -9.04 6.08
C LEU A 10 -4.15 -9.35 6.34
N GLN A 11 -3.84 -10.53 6.90
CA GLN A 11 -2.49 -11.16 6.96
C GLN A 11 -2.52 -12.44 6.11
N CYS A 12 -1.71 -12.54 5.06
CA CYS A 12 -1.77 -13.70 4.12
C CYS A 12 -1.07 -14.91 4.72
N PRO A 13 -1.52 -16.13 4.36
CA PRO A 13 -0.84 -17.38 4.74
C PRO A 13 0.30 -17.79 3.82
N GLY A 14 1.05 -18.80 4.26
CA GLY A 14 2.08 -19.48 3.44
C GLY A 14 3.27 -18.61 3.10
N GLY A 15 3.51 -17.53 3.85
CA GLY A 15 4.59 -16.56 3.58
C GLY A 15 4.23 -15.56 2.48
N GLY A 16 2.95 -15.53 2.06
CA GLY A 16 2.42 -14.54 1.11
C GLY A 16 1.87 -15.22 -0.13
N LEU A 17 0.88 -14.61 -0.79
CA LEU A 17 0.13 -15.23 -1.93
C LEU A 17 0.64 -14.73 -3.27
N PRO A 18 0.93 -15.65 -4.22
CA PRO A 18 1.19 -15.26 -5.59
C PRO A 18 -0.10 -14.86 -6.32
N GLN A 19 0.08 -14.19 -7.47
CA GLN A 19 -0.99 -13.69 -8.36
C GLN A 19 -2.03 -14.80 -8.67
N GLU A 20 -1.55 -16.03 -8.93
CA GLU A 20 -2.38 -17.16 -9.44
C GLU A 20 -3.39 -17.63 -8.38
N GLN A 21 -3.22 -17.23 -7.12
CA GLN A 21 -4.05 -17.70 -5.98
C GLN A 21 -5.06 -16.62 -5.57
N ILE A 22 -5.20 -15.52 -6.32
CA ILE A 22 -6.12 -14.41 -5.96
C ILE A 22 -7.17 -14.21 -7.05
N GLN A 23 -8.44 -14.06 -6.60
CA GLN A 23 -9.62 -13.70 -7.42
C GLN A 23 -10.02 -12.26 -7.10
N ALA A 24 -10.48 -11.49 -8.08
CA ALA A 24 -11.11 -10.17 -7.82
C ALA A 24 -12.54 -10.16 -8.38
N GLU A 25 -13.42 -9.47 -7.67
CA GLU A 25 -14.81 -9.18 -8.10
C GLU A 25 -14.93 -7.64 -8.15
N LEU A 26 -14.91 -7.07 -9.35
CA LEU A 26 -15.00 -5.60 -9.61
C LEU A 26 -16.45 -5.32 -9.98
N SER A 27 -17.18 -4.62 -9.11
CA SER A 27 -18.66 -4.48 -9.15
C SER A 27 -19.06 -3.10 -8.67
N PRO A 28 -20.05 -2.45 -9.33
CA PRO A 28 -20.57 -1.17 -8.84
C PRO A 28 -21.26 -1.34 -7.48
N ALA A 29 -21.62 -2.56 -7.06
CA ALA A 29 -22.09 -2.85 -5.69
C ALA A 29 -20.99 -2.51 -4.64
N HIS A 30 -19.72 -2.40 -5.05
CA HIS A 30 -18.54 -2.16 -4.16
C HIS A 30 -18.14 -0.67 -4.18
N ASP A 31 -18.94 0.18 -4.83
CA ASP A 31 -18.62 1.62 -4.99
C ASP A 31 -18.97 2.38 -3.71
N ARG A 32 -18.41 3.58 -3.56
CA ARG A 32 -18.82 4.55 -2.50
C ARG A 32 -20.33 4.85 -2.65
N ARG A 33 -21.04 5.05 -1.55
CA ARG A 33 -22.46 5.49 -1.62
C ARG A 33 -22.52 7.01 -1.84
N PRO A 34 -23.55 7.52 -2.55
CA PRO A 34 -23.72 8.98 -2.70
C PRO A 34 -23.78 9.66 -1.31
N LEU A 35 -23.19 10.84 -1.13
CA LEU A 35 -23.14 11.55 0.18
C LEU A 35 -24.56 11.95 0.61
N PRO A 36 -24.88 12.02 1.93
CA PRO A 36 -26.25 12.30 2.38
C PRO A 36 -26.97 13.52 1.75
N GLY A 37 -26.27 14.64 1.62
CA GLY A 37 -26.76 15.87 0.99
C GLY A 37 -26.35 15.96 -0.48
N GLY A 38 -25.84 14.86 -1.06
CA GLY A 38 -25.49 14.77 -2.49
C GLY A 38 -24.00 14.97 -2.74
N ASP A 39 -23.50 14.45 -3.87
CA ASP A 39 -22.07 14.54 -4.30
C ASP A 39 -21.71 15.98 -4.70
N GLU A 40 -22.66 16.93 -4.72
CA GLU A 40 -22.38 18.38 -4.92
C GLU A 40 -21.28 18.88 -3.96
N ALA A 41 -21.17 18.34 -2.74
CA ALA A 41 -20.09 18.68 -1.79
C ALA A 41 -18.70 18.37 -2.37
N ILE A 42 -18.56 17.27 -3.10
CA ILE A 42 -17.26 16.82 -3.70
C ILE A 42 -16.94 17.77 -4.86
N THR A 43 -17.96 18.05 -5.67
CA THR A 43 -17.86 18.94 -6.85
C THR A 43 -17.38 20.32 -6.39
N ALA A 44 -17.88 20.85 -5.27
CA ALA A 44 -17.54 22.22 -4.79
C ALA A 44 -16.07 22.29 -4.33
N ILE A 45 -15.57 21.26 -3.61
CA ILE A 45 -14.16 21.17 -3.14
C ILE A 45 -13.25 21.10 -4.39
N TRP A 46 -13.64 20.32 -5.40
CA TRP A 46 -12.84 20.13 -6.64
C TRP A 46 -12.73 21.47 -7.40
N GLU A 47 -13.86 22.18 -7.57
CA GLU A 47 -13.88 23.50 -8.28
C GLU A 47 -12.92 24.48 -7.61
N THR A 48 -12.97 24.56 -6.27
CA THR A 48 -12.10 25.46 -5.46
C THR A 48 -10.64 25.11 -5.72
N ARG A 49 -10.32 23.82 -5.71
CA ARG A 49 -8.93 23.35 -5.89
C ARG A 49 -8.43 23.67 -7.32
N LEU A 50 -9.23 23.41 -8.35
CA LEU A 50 -8.85 23.70 -9.77
C LEU A 50 -8.66 25.20 -9.94
N LYS A 51 -9.48 26.02 -9.27
CA LYS A 51 -9.40 27.49 -9.46
C LYS A 51 -8.11 28.03 -8.82
N ALA A 52 -7.46 27.25 -7.98
CA ALA A 52 -6.15 27.57 -7.35
C ALA A 52 -5.02 26.90 -8.13
N GLN A 53 -5.24 25.69 -8.66
CA GLN A 53 -4.20 24.85 -9.32
C GLN A 53 -4.79 24.27 -10.60
N PRO A 54 -4.95 25.10 -11.65
CA PRO A 54 -5.65 24.68 -12.87
C PRO A 54 -4.96 23.57 -13.69
N TRP A 55 -3.69 23.24 -13.38
CA TRP A 55 -2.94 22.14 -14.05
C TRP A 55 -3.25 20.78 -13.42
N LEU A 56 -3.99 20.72 -12.32
CA LEU A 56 -4.42 19.41 -11.71
C LEU A 56 -5.35 18.66 -12.66
N PHE A 57 -5.28 17.33 -12.67
CA PHE A 57 -6.23 16.47 -13.42
C PHE A 57 -6.70 15.34 -12.50
N ASP A 58 -7.93 14.89 -12.71
CA ASP A 58 -8.56 13.72 -12.06
C ASP A 58 -7.92 12.44 -12.64
N ALA A 59 -8.07 11.32 -11.95
CA ALA A 59 -7.69 9.99 -12.48
C ALA A 59 -8.58 8.96 -11.79
N PRO A 60 -8.96 7.86 -12.48
CA PRO A 60 -9.69 6.77 -11.84
C PRO A 60 -8.75 5.97 -10.93
N LYS A 61 -9.35 5.29 -9.97
CA LYS A 61 -8.64 4.48 -8.95
C LYS A 61 -9.51 3.25 -8.68
N PHE A 62 -8.89 2.16 -8.20
CA PHE A 62 -9.66 1.05 -7.59
C PHE A 62 -10.07 1.46 -6.16
N ARG A 63 -11.29 1.09 -5.77
CA ARG A 63 -11.80 1.21 -4.39
C ARG A 63 -11.74 -0.17 -3.74
N LEU A 64 -11.16 -0.30 -2.54
CA LEU A 64 -11.29 -1.53 -1.71
C LEU A 64 -12.62 -1.50 -0.96
N HIS A 65 -13.46 -2.53 -1.14
CA HIS A 65 -14.66 -2.80 -0.32
C HIS A 65 -14.29 -3.75 0.83
N SER A 66 -13.64 -4.88 0.54
CA SER A 66 -13.40 -5.98 1.51
C SER A 66 -12.53 -7.05 0.86
N ALA A 67 -11.94 -7.92 1.68
CA ALA A 67 -11.06 -9.01 1.23
C ALA A 67 -11.32 -10.21 2.12
N THR A 68 -11.70 -11.36 1.52
CA THR A 68 -12.07 -12.60 2.26
C THR A 68 -11.05 -13.69 1.97
N LEU A 69 -10.39 -14.18 3.01
CA LEU A 69 -9.45 -15.31 2.92
C LEU A 69 -10.22 -16.63 3.04
N ALA A 70 -9.85 -17.62 2.22
CA ALA A 70 -10.35 -19.00 2.28
C ALA A 70 -9.90 -19.64 3.62
N PRO A 71 -10.53 -20.75 4.05
CA PRO A 71 -10.04 -21.53 5.18
C PRO A 71 -8.57 -21.97 4.97
N ILE A 72 -7.70 -21.80 5.96
CA ILE A 72 -6.23 -22.06 5.75
C ILE A 72 -6.03 -23.54 5.39
N GLY A 73 -5.02 -23.77 4.55
CA GLY A 73 -4.61 -25.11 4.10
C GLY A 73 -5.48 -25.67 2.99
N SER A 74 -6.44 -24.89 2.48
CA SER A 74 -7.39 -25.34 1.44
C SER A 74 -6.72 -25.31 0.06
N ARG A 75 -7.26 -26.08 -0.88
CA ARG A 75 -6.89 -26.05 -2.32
C ARG A 75 -7.77 -25.00 -3.01
N GLY A 76 -7.45 -24.63 -4.24
CA GLY A 76 -8.19 -23.60 -4.99
C GLY A 76 -7.77 -22.19 -4.59
N PRO A 77 -8.40 -21.16 -5.17
CA PRO A 77 -8.10 -19.75 -4.86
C PRO A 77 -8.22 -19.45 -3.36
N GLN A 78 -7.26 -18.69 -2.85
CA GLN A 78 -7.07 -18.46 -1.40
C GLN A 78 -7.64 -17.10 -0.98
N LEU A 79 -7.85 -16.17 -1.92
CA LEU A 79 -8.29 -14.79 -1.54
C LEU A 79 -9.30 -14.27 -2.56
N LEU A 80 -10.38 -13.67 -2.07
CA LEU A 80 -11.32 -12.88 -2.92
C LEU A 80 -11.23 -11.40 -2.56
N LEU A 81 -10.82 -10.55 -3.49
CA LEU A 81 -10.79 -9.07 -3.32
C LEU A 81 -12.08 -8.51 -3.92
N ARG A 82 -12.90 -7.82 -3.12
CA ARG A 82 -14.09 -7.09 -3.59
C ARG A 82 -13.71 -5.63 -3.83
N LEU A 83 -13.79 -5.21 -5.09
CA LEU A 83 -13.27 -3.90 -5.54
C LEU A 83 -14.39 -3.12 -6.24
N GLY A 84 -14.38 -1.80 -6.06
CA GLY A 84 -15.19 -0.85 -6.85
C GLY A 84 -14.29 0.10 -7.61
N LEU A 85 -14.87 1.18 -8.15
CA LEU A 85 -14.10 2.27 -8.80
C LEU A 85 -14.34 3.55 -8.01
N THR A 86 -13.30 4.37 -7.90
CA THR A 86 -13.35 5.74 -7.32
C THR A 86 -12.45 6.64 -8.16
N SER A 87 -11.96 7.75 -7.61
CA SER A 87 -11.16 8.74 -8.35
C SER A 87 -10.36 9.57 -7.36
N TYR A 88 -9.32 10.23 -7.84
CA TYR A 88 -8.58 11.27 -7.07
C TYR A 88 -9.55 12.35 -6.56
N ARG A 89 -10.45 12.86 -7.40
CA ARG A 89 -11.44 13.92 -7.04
C ARG A 89 -12.27 13.47 -5.84
N ASP A 90 -12.76 12.23 -5.87
CA ASP A 90 -13.65 11.68 -4.80
C ASP A 90 -12.82 11.55 -3.52
N PHE A 91 -11.56 11.14 -3.66
CA PHE A 91 -10.63 11.07 -2.50
C PHE A 91 -10.51 12.46 -1.85
N LEU A 92 -10.29 13.52 -2.63
CA LEU A 92 -9.99 14.88 -2.08
C LEU A 92 -11.25 15.39 -1.38
N GLY A 93 -12.42 14.99 -1.87
CA GLY A 93 -13.72 15.44 -1.31
C GLY A 93 -14.23 14.58 -0.16
N THR A 94 -13.57 13.47 0.21
CA THR A 94 -14.06 12.57 1.28
C THR A 94 -12.94 12.29 2.27
N ASN A 95 -12.09 11.28 2.01
CA ASN A 95 -10.98 10.88 2.92
C ASN A 95 -10.13 12.09 3.38
N TRP A 96 -9.83 13.01 2.47
CA TRP A 96 -8.92 14.17 2.70
C TRP A 96 -9.70 15.39 3.23
N SER A 97 -11.04 15.35 3.20
CA SER A 97 -11.91 16.45 3.71
C SER A 97 -11.71 16.63 5.22
N SER A 98 -11.85 17.87 5.69
CA SER A 98 -11.79 18.22 7.13
C SER A 98 -12.90 17.49 7.91
N SER A 99 -14.00 17.17 7.22
N SER A 99 -14.03 17.18 7.25
CA SER A 99 -15.22 16.52 7.78
CA SER A 99 -15.20 16.52 7.88
C SER A 99 -15.20 14.99 7.63
C SER A 99 -15.20 15.00 7.62
N ALA A 100 -14.05 14.39 7.28
CA ALA A 100 -13.95 12.92 7.05
C ALA A 100 -14.47 12.12 8.26
N ALA A 101 -14.23 12.57 9.51
CA ALA A 101 -14.68 11.81 10.70
C ALA A 101 -16.21 11.85 10.78
N TRP A 102 -16.82 12.96 10.36
CA TRP A 102 -18.30 13.08 10.31
C TRP A 102 -18.88 12.10 9.28
N LEU A 103 -18.23 11.94 8.12
CA LEU A 103 -18.69 10.97 7.07
C LEU A 103 -18.62 9.53 7.59
N ARG A 104 -17.62 9.21 8.41
CA ARG A 104 -17.47 7.85 9.03
C ARG A 104 -18.63 7.57 10.00
N GLN A 105 -18.96 8.52 10.90
CA GLN A 105 -20.11 8.43 11.85
C GLN A 105 -21.43 8.22 11.07
N GLN A 106 -21.65 9.03 10.03
N GLN A 106 -21.66 9.01 10.02
CA GLN A 106 -22.84 8.97 9.14
CA GLN A 106 -22.89 8.95 9.17
C GLN A 106 -22.93 7.60 8.46
C GLN A 106 -22.95 7.60 8.44
N GLY A 107 -21.80 7.10 7.94
CA GLY A 107 -21.74 5.78 7.31
C GLY A 107 -22.12 4.67 8.30
N ALA A 108 -21.67 4.78 9.56
CA ALA A 108 -22.02 3.81 10.62
C ALA A 108 -23.52 3.82 10.87
N THR A 109 -24.10 5.01 11.02
CA THR A 109 -25.56 5.23 11.25
C THR A 109 -26.39 4.66 10.09
N ASP A 110 -26.09 5.09 8.86
CA ASP A 110 -26.94 4.87 7.68
C ASP A 110 -26.77 3.45 7.10
N TRP A 111 -25.54 2.91 7.07
CA TRP A 111 -25.17 1.70 6.31
C TRP A 111 -24.52 0.63 7.22
N GLY A 112 -24.35 0.89 8.52
CA GLY A 112 -23.50 0.04 9.39
C GLY A 112 -22.12 -0.19 8.80
N ASP A 113 -21.51 0.85 8.23
CA ASP A 113 -20.21 0.76 7.52
C ASP A 113 -19.51 2.12 7.61
N THR A 114 -18.46 2.22 8.42
CA THR A 114 -17.70 3.49 8.63
C THR A 114 -17.14 4.00 7.29
N GLN A 115 -16.94 3.13 6.31
CA GLN A 115 -16.30 3.50 5.02
C GLN A 115 -17.34 3.81 3.91
N ALA A 116 -18.66 3.70 4.12
CA ALA A 116 -19.70 3.73 3.06
C ALA A 116 -19.63 5.02 2.24
N TYR A 117 -19.31 6.16 2.87
CA TYR A 117 -19.27 7.50 2.23
C TYR A 117 -17.81 7.92 1.90
N LEU A 118 -16.83 7.00 1.97
CA LEU A 118 -15.41 7.33 1.67
C LEU A 118 -14.98 6.73 0.32
N ALA A 119 -14.18 7.49 -0.42
CA ALA A 119 -13.53 7.06 -1.68
C ALA A 119 -12.72 5.77 -1.46
N ASP A 120 -11.82 5.77 -0.46
CA ASP A 120 -10.99 4.60 -0.07
C ASP A 120 -10.26 4.01 -1.29
N PRO A 121 -9.51 4.81 -2.07
CA PRO A 121 -8.70 4.25 -3.17
C PRO A 121 -7.64 3.26 -2.65
N LEU A 122 -7.43 2.15 -3.38
CA LEU A 122 -6.50 1.08 -2.95
C LEU A 122 -5.05 1.45 -3.33
N GLY A 123 -4.18 1.62 -2.32
CA GLY A 123 -2.73 1.82 -2.54
C GLY A 123 -1.99 0.51 -2.72
N VAL A 124 -0.78 0.53 -3.28
CA VAL A 124 0.17 -0.62 -3.24
C VAL A 124 1.51 -0.16 -2.65
N GLY A 125 2.19 -1.05 -1.93
CA GLY A 125 3.53 -0.82 -1.36
C GLY A 125 4.39 -2.05 -1.40
N ALA A 126 5.71 -1.90 -1.31
CA ALA A 126 6.63 -3.05 -1.32
C ALA A 126 7.61 -3.00 -0.15
N ALA A 127 7.77 -4.14 0.51
CA ALA A 127 9.02 -4.53 1.21
C ALA A 127 9.97 -5.09 0.14
N LEU A 128 10.94 -4.27 -0.28
CA LEU A 128 11.88 -4.60 -1.40
C LEU A 128 13.22 -5.01 -0.79
N ALA A 129 13.61 -6.27 -0.96
CA ALA A 129 14.85 -6.82 -0.33
C ALA A 129 15.96 -6.90 -1.38
N THR A 130 17.19 -6.54 -1.00
CA THR A 130 18.39 -6.63 -1.88
C THR A 130 19.03 -8.02 -1.77
N ALA A 131 19.95 -8.33 -2.68
CA ALA A 131 20.69 -9.61 -2.72
C ALA A 131 21.52 -9.75 -1.45
N ASP A 132 21.92 -8.63 -0.82
CA ASP A 132 22.76 -8.66 0.42
C ASP A 132 21.93 -8.49 1.72
N ASP A 133 20.62 -8.73 1.64
N ASP A 133 20.61 -8.66 1.64
CA ASP A 133 19.66 -8.82 2.77
CA ASP A 133 19.72 -8.82 2.84
C ASP A 133 19.50 -7.46 3.46
C ASP A 133 19.41 -7.47 3.48
N PHE A 134 19.13 -6.42 2.70
CA PHE A 134 18.63 -5.10 3.23
C PHE A 134 17.23 -4.85 2.68
N LEU A 135 16.36 -4.13 3.41
CA LEU A 135 15.14 -3.52 2.83
C LEU A 135 15.47 -2.09 2.37
N VAL A 136 14.75 -1.60 1.35
CA VAL A 136 14.94 -0.28 0.70
C VAL A 136 13.94 0.72 1.25
N PHE A 137 14.43 1.90 1.71
CA PHE A 137 13.60 3.04 2.19
C PHE A 137 13.87 4.31 1.35
N LEU A 138 12.87 5.20 1.27
CA LEU A 138 12.88 6.47 0.47
C LEU A 138 12.47 7.64 1.37
N ARG A 139 13.15 8.79 1.26
CA ARG A 139 12.80 10.00 2.04
C ARG A 139 11.85 10.85 1.18
N ARG A 140 10.68 11.20 1.70
CA ARG A 140 9.66 12.01 0.99
C ARG A 140 10.08 13.49 1.02
N SER A 141 9.87 14.19 -0.10
CA SER A 141 10.00 15.67 -0.23
C SER A 141 9.23 16.37 0.90
N ARG A 142 9.75 17.51 1.38
CA ARG A 142 9.09 18.33 2.43
C ARG A 142 8.05 19.28 1.80
N GLN A 143 7.89 19.26 0.47
CA GLN A 143 7.02 20.18 -0.31
C GLN A 143 5.65 19.55 -0.62
N VAL A 144 5.49 18.23 -0.53
CA VAL A 144 4.22 17.53 -0.92
C VAL A 144 3.21 17.67 0.22
N ALA A 145 1.93 17.41 -0.08
CA ALA A 145 0.78 17.60 0.84
C ALA A 145 0.72 16.46 1.86
N GLU A 146 0.99 15.23 1.43
CA GLU A 146 0.81 13.99 2.24
C GLU A 146 2.14 13.56 2.87
N ALA A 147 2.15 13.38 4.19
CA ALA A 147 3.30 12.86 4.96
C ALA A 147 4.58 13.55 4.49
N PRO A 148 4.65 14.89 4.49
CA PRO A 148 5.85 15.59 4.02
C PRO A 148 7.08 15.28 4.90
N GLY A 149 8.21 15.02 4.26
CA GLY A 149 9.49 14.84 4.95
C GLY A 149 9.64 13.51 5.66
N LEU A 150 8.66 12.60 5.56
CA LEU A 150 8.70 11.29 6.27
C LEU A 150 9.38 10.20 5.42
N VAL A 151 9.71 9.09 6.05
CA VAL A 151 10.26 7.89 5.37
C VAL A 151 9.12 7.06 4.81
N ASP A 152 9.30 6.56 3.59
CA ASP A 152 8.36 5.69 2.88
C ASP A 152 9.08 4.44 2.30
N VAL A 153 8.31 3.50 1.76
CA VAL A 153 8.79 2.36 0.94
C VAL A 153 8.31 2.62 -0.48
N PRO A 154 8.84 1.96 -1.53
CA PRO A 154 8.29 2.12 -2.88
C PRO A 154 6.81 1.73 -2.96
N GLY A 155 6.05 2.43 -3.79
CA GLY A 155 4.65 2.06 -4.05
C GLY A 155 3.93 3.09 -4.90
N GLY A 156 2.63 2.92 -5.09
CA GLY A 156 1.83 3.91 -5.84
C GLY A 156 0.47 3.40 -6.28
N HIS A 157 -0.57 4.17 -5.94
CA HIS A 157 -2.03 3.99 -6.22
C HIS A 157 -2.31 3.56 -7.66
N PRO A 158 -2.49 2.24 -7.96
CA PRO A 158 -2.82 1.76 -9.31
C PRO A 158 -4.03 2.42 -9.99
N GLU A 159 -3.97 2.49 -11.33
CA GLU A 159 -4.90 3.25 -12.22
C GLU A 159 -5.59 2.26 -13.14
N PRO A 160 -6.92 2.05 -13.04
CA PRO A 160 -7.59 1.11 -13.95
C PRO A 160 -7.39 1.32 -15.46
N GLN A 161 -7.09 0.22 -16.18
CA GLN A 161 -6.83 0.11 -17.65
C GLN A 161 -6.09 1.34 -18.16
N ASP A 173 -14.39 -14.05 -12.33
CA ASP A 173 -12.95 -13.74 -12.41
C ASP A 173 -12.57 -13.50 -13.89
N LEU A 174 -13.48 -13.05 -14.76
CA LEU A 174 -13.19 -13.01 -16.22
C LEU A 174 -12.92 -11.58 -16.73
N ALA A 175 -13.07 -10.55 -15.90
CA ALA A 175 -12.24 -9.32 -15.95
C ALA A 175 -11.44 -9.20 -14.62
N GLY A 176 -11.84 -9.99 -13.60
CA GLY A 176 -11.17 -10.23 -12.29
C GLY A 176 -9.67 -10.52 -12.43
N GLN A 177 -9.30 -11.49 -13.26
CA GLN A 177 -7.88 -11.90 -13.42
C GLN A 177 -7.05 -10.76 -14.03
N LEU A 178 -7.67 -9.91 -14.87
CA LEU A 178 -6.94 -8.80 -15.53
C LEU A 178 -6.70 -7.71 -14.48
N VAL A 179 -7.67 -7.51 -13.59
CA VAL A 179 -7.54 -6.57 -12.46
C VAL A 179 -6.43 -7.06 -11.51
N VAL A 180 -6.36 -8.34 -11.15
CA VAL A 180 -5.29 -8.85 -10.25
C VAL A 180 -3.94 -8.62 -10.94
N HIS A 181 -3.86 -8.90 -12.23
CA HIS A 181 -2.62 -8.68 -13.04
C HIS A 181 -2.14 -7.22 -12.96
N GLU A 182 -3.07 -6.25 -13.09
N GLU A 182 -3.09 -6.27 -13.06
CA GLU A 182 -2.72 -4.80 -13.02
CA GLU A 182 -2.82 -4.80 -13.01
C GLU A 182 -2.21 -4.45 -11.62
C GLU A 182 -2.27 -4.41 -11.64
N LEU A 183 -2.82 -4.98 -10.56
CA LEU A 183 -2.32 -4.70 -9.17
C LEU A 183 -0.86 -5.20 -9.00
N PHE A 184 -0.55 -6.43 -9.39
CA PHE A 184 0.80 -7.02 -9.26
C PHE A 184 1.81 -6.25 -10.15
N SER A 185 1.44 -6.01 -11.42
N SER A 185 1.44 -5.96 -11.40
CA SER A 185 2.23 -5.24 -12.41
CA SER A 185 2.34 -5.26 -12.37
C SER A 185 2.61 -3.86 -11.83
C SER A 185 2.59 -3.80 -11.94
N SER A 186 1.63 -3.16 -11.26
CA SER A 186 1.79 -1.75 -10.80
C SER A 186 2.87 -1.65 -9.71
N VAL A 187 3.04 -2.66 -8.86
CA VAL A 187 4.08 -2.61 -7.79
C VAL A 187 5.48 -2.67 -8.46
N LEU A 188 5.68 -3.54 -9.45
CA LEU A 188 6.97 -3.64 -10.19
C LEU A 188 7.22 -2.34 -10.97
N GLN A 189 6.17 -1.79 -11.57
CA GLN A 189 6.26 -0.59 -12.43
C GLN A 189 6.73 0.58 -11.55
N GLU A 190 6.14 0.74 -10.36
CA GLU A 190 6.49 1.80 -9.36
C GLU A 190 7.96 1.65 -8.91
N ILE A 191 8.44 0.42 -8.72
CA ILE A 191 9.87 0.18 -8.36
C ILE A 191 10.79 0.60 -9.54
N CYS A 192 10.50 0.20 -10.78
CA CYS A 192 11.24 0.68 -11.99
C CYS A 192 11.20 2.23 -12.10
N ASP A 193 10.04 2.87 -11.92
CA ASP A 193 9.91 4.34 -12.15
C ASP A 193 10.64 5.15 -11.06
N GLU A 194 10.56 4.77 -9.79
CA GLU A 194 11.04 5.59 -8.65
C GLU A 194 12.46 5.16 -8.25
N VAL A 195 12.78 3.85 -8.26
CA VAL A 195 14.12 3.35 -7.80
C VAL A 195 15.04 3.23 -9.02
N ASN A 196 14.49 3.21 -10.24
CA ASN A 196 15.26 3.19 -11.49
C ASN A 196 15.97 1.83 -11.64
N LEU A 197 15.33 0.74 -11.20
CA LEU A 197 15.87 -0.64 -11.33
C LEU A 197 15.38 -1.22 -12.66
N PRO A 198 16.20 -2.05 -13.35
CA PRO A 198 15.70 -2.87 -14.46
C PRO A 198 14.65 -3.90 -14.03
N LEU A 199 13.60 -4.06 -14.82
CA LEU A 199 12.48 -4.98 -14.53
C LEU A 199 13.01 -6.39 -14.34
N LEU A 200 14.02 -6.79 -15.10
CA LEU A 200 14.53 -8.18 -15.04
C LEU A 200 15.33 -8.45 -13.77
N THR A 201 15.59 -7.47 -12.88
CA THR A 201 16.26 -7.72 -11.58
C THR A 201 15.24 -8.05 -10.48
N LEU A 202 13.93 -8.00 -10.77
CA LEU A 202 12.81 -8.08 -9.77
C LEU A 202 12.08 -9.43 -9.87
N SER A 203 11.88 -10.08 -8.73
CA SER A 203 11.01 -11.27 -8.57
C SER A 203 9.53 -10.92 -8.79
N GLN A 204 8.71 -11.91 -9.15
CA GLN A 204 7.22 -11.75 -9.12
C GLN A 204 6.83 -11.43 -7.67
N PRO A 205 6.02 -10.38 -7.43
CA PRO A 205 5.58 -10.04 -6.08
C PRO A 205 4.77 -11.15 -5.38
N LEU A 206 4.88 -11.21 -4.05
CA LEU A 206 3.95 -11.98 -3.19
C LEU A 206 3.16 -10.99 -2.33
N LEU A 207 1.85 -11.13 -2.29
CA LEU A 207 0.98 -10.30 -1.41
C LEU A 207 1.16 -10.73 0.05
N LEU A 208 1.61 -9.82 0.92
CA LEU A 208 1.77 -10.10 2.38
C LEU A 208 0.46 -9.83 3.13
N GLY A 209 -0.32 -8.82 2.74
CA GLY A 209 -1.53 -8.40 3.46
C GLY A 209 -2.07 -7.07 3.02
N ILE A 210 -3.03 -6.56 3.78
CA ILE A 210 -3.67 -5.25 3.54
C ILE A 210 -3.67 -4.52 4.89
N ALA A 211 -3.17 -3.28 4.90
CA ALA A 211 -3.07 -2.38 6.07
C ALA A 211 -3.91 -1.13 5.82
N ARG A 212 -4.53 -0.60 6.89
CA ARG A 212 -5.38 0.62 6.87
C ARG A 212 -4.67 1.75 7.63
N ASN A 213 -4.62 2.92 7.00
CA ASN A 213 -4.05 4.21 7.49
C ASN A 213 -5.16 4.98 8.20
N GLU A 214 -5.21 4.89 9.53
CA GLU A 214 -6.21 5.59 10.38
C GLU A 214 -6.03 7.12 10.35
N THR A 215 -4.90 7.65 9.89
CA THR A 215 -4.68 9.12 9.72
C THR A 215 -5.30 9.61 8.40
N SER A 216 -5.68 8.70 7.51
CA SER A 216 -6.31 9.07 6.21
C SER A 216 -7.74 8.49 6.10
N ALA A 217 -8.49 8.49 7.22
CA ALA A 217 -9.89 8.01 7.36
C ALA A 217 -10.02 6.53 6.99
N GLY A 218 -8.98 5.73 7.24
CA GLY A 218 -9.06 4.26 7.08
C GLY A 218 -8.77 3.78 5.68
N ARG A 219 -8.19 4.60 4.79
CA ARG A 219 -7.86 4.12 3.42
C ARG A 219 -6.70 3.10 3.46
N ALA A 220 -6.80 2.09 2.59
CA ALA A 220 -6.09 0.79 2.70
C ALA A 220 -5.00 0.70 1.62
N SER A 221 -3.92 0.00 1.92
CA SER A 221 -2.89 -0.34 0.93
C SER A 221 -2.65 -1.84 0.93
N ALA A 222 -2.55 -2.46 -0.24
CA ALA A 222 -1.98 -3.82 -0.39
C ALA A 222 -0.45 -3.75 -0.29
N GLU A 223 0.12 -4.56 0.59
CA GLU A 223 1.58 -4.60 0.88
C GLU A 223 2.17 -5.91 0.33
N PHE A 224 3.23 -5.81 -0.47
CA PHE A 224 3.85 -6.94 -1.21
C PHE A 224 5.32 -7.13 -0.81
N TYR A 225 5.85 -8.34 -1.02
CA TYR A 225 7.29 -8.66 -0.90
C TYR A 225 7.87 -8.79 -2.28
N VAL A 226 8.96 -8.08 -2.57
CA VAL A 226 9.70 -8.21 -3.84
C VAL A 226 11.19 -8.36 -3.53
N GLN A 227 11.86 -9.29 -4.21
N GLN A 227 11.84 -9.33 -4.18
CA GLN A 227 13.31 -9.58 -4.09
CA GLN A 227 13.30 -9.58 -4.11
C GLN A 227 14.02 -9.03 -5.32
C GLN A 227 13.98 -8.93 -5.32
N CYS A 228 15.14 -8.31 -5.11
CA CYS A 228 15.97 -7.77 -6.20
C CYS A 228 17.30 -8.55 -6.25
N SER A 229 17.80 -8.86 -7.45
CA SER A 229 19.07 -9.64 -7.62
C SER A 229 20.31 -8.72 -7.45
N LEU A 230 20.11 -7.40 -7.34
CA LEU A 230 21.21 -6.43 -7.10
C LEU A 230 21.51 -6.26 -5.60
N THR A 231 22.75 -5.92 -5.24
CA THR A 231 23.16 -5.54 -3.87
C THR A 231 22.68 -4.12 -3.54
N SER A 232 22.68 -3.76 -2.26
CA SER A 232 22.30 -2.39 -1.82
C SER A 232 23.18 -1.36 -2.56
N GLU A 233 24.45 -1.67 -2.80
CA GLU A 233 25.40 -0.70 -3.42
C GLU A 233 24.94 -0.45 -4.86
N GLN A 234 24.55 -1.51 -5.57
CA GLN A 234 24.11 -1.41 -6.98
C GLN A 234 22.75 -0.69 -7.04
N VAL A 235 21.82 -0.97 -6.09
CA VAL A 235 20.47 -0.32 -6.07
C VAL A 235 20.67 1.20 -5.91
N ARG A 236 21.55 1.62 -4.99
CA ARG A 236 21.89 3.04 -4.74
C ARG A 236 22.41 3.69 -6.02
N LYS A 237 23.34 3.03 -6.70
CA LYS A 237 23.95 3.54 -7.96
C LYS A 237 22.81 3.80 -8.98
N HIS A 238 21.89 2.84 -9.14
CA HIS A 238 20.80 2.94 -10.14
C HIS A 238 19.90 4.12 -9.80
N TYR A 239 19.43 4.21 -8.54
CA TYR A 239 18.59 5.32 -8.03
C TYR A 239 19.28 6.66 -8.32
N LEU A 240 20.54 6.85 -7.89
CA LEU A 240 21.23 8.17 -8.01
C LEU A 240 21.49 8.51 -9.49
N SER A 241 21.67 7.50 -10.35
CA SER A 241 22.10 7.72 -11.76
C SER A 241 20.96 8.36 -12.57
N GLY A 242 19.75 8.41 -12.03
CA GLY A 242 18.61 9.09 -12.69
C GLY A 242 18.69 10.60 -12.54
N GLY A 243 19.33 11.10 -11.48
CA GLY A 243 19.39 12.54 -11.18
C GLY A 243 18.16 12.98 -10.41
N PRO A 244 18.14 14.23 -9.87
CA PRO A 244 17.03 14.70 -9.04
C PRO A 244 15.65 14.65 -9.71
N GLU A 245 15.57 14.72 -11.04
CA GLU A 245 14.29 14.71 -11.81
C GLU A 245 13.80 13.29 -12.11
N ALA A 246 14.59 12.25 -11.87
CA ALA A 246 14.20 10.85 -12.18
C ALA A 246 13.35 10.27 -11.04
N HIS A 247 13.20 10.98 -9.92
CA HIS A 247 12.49 10.43 -8.72
C HIS A 247 11.81 11.55 -7.92
N GLU A 248 10.66 11.22 -7.31
CA GLU A 248 9.85 12.13 -6.45
C GLU A 248 10.50 12.23 -5.06
N SER A 249 11.15 11.17 -4.57
CA SER A 249 11.82 11.14 -3.24
C SER A 249 13.09 12.02 -3.28
N THR A 250 13.63 12.38 -2.13
CA THR A 250 14.84 13.23 -2.03
C THR A 250 16.06 12.40 -1.63
N GLY A 251 15.91 11.10 -1.36
CA GLY A 251 17.02 10.22 -0.96
C GLY A 251 16.60 8.76 -0.80
N ILE A 252 17.58 7.85 -0.76
CA ILE A 252 17.39 6.37 -0.59
C ILE A 252 18.31 5.93 0.54
N PHE A 253 17.89 4.94 1.33
CA PHE A 253 18.75 4.28 2.36
C PHE A 253 18.24 2.85 2.60
N PHE A 254 19.01 2.08 3.36
CA PHE A 254 18.85 0.61 3.48
C PHE A 254 18.99 0.21 4.95
N VAL A 255 18.16 -0.74 5.41
CA VAL A 255 18.26 -1.32 6.79
C VAL A 255 18.38 -2.84 6.67
N GLU A 256 19.37 -3.44 7.33
CA GLU A 256 19.53 -4.93 7.32
C GLU A 256 18.21 -5.57 7.76
N THR A 257 17.79 -6.68 7.13
CA THR A 257 16.57 -7.43 7.54
C THR A 257 16.71 -7.88 8.99
N GLN A 258 17.94 -8.16 9.46
CA GLN A 258 18.24 -8.42 10.88
C GLN A 258 17.61 -7.34 11.77
N ASN A 259 17.80 -6.08 11.40
CA ASN A 259 17.44 -4.90 12.24
C ASN A 259 15.97 -4.48 12.03
N VAL A 260 15.33 -4.89 10.92
CA VAL A 260 13.91 -4.57 10.61
C VAL A 260 13.03 -5.23 11.68
N ARG A 261 13.44 -6.41 12.16
CA ARG A 261 12.72 -7.17 13.22
C ARG A 261 12.40 -6.22 14.41
N ARG A 262 13.30 -5.32 14.80
CA ARG A 262 13.12 -4.45 16.00
C ARG A 262 12.82 -2.99 15.61
N LEU A 263 12.49 -2.72 14.34
CA LEU A 263 12.29 -1.31 13.89
C LEU A 263 11.30 -0.51 14.75
N PRO A 264 10.17 -1.09 15.22
CA PRO A 264 9.21 -0.34 16.05
C PRO A 264 9.79 0.19 17.38
N GLU A 265 10.96 -0.31 17.79
CA GLU A 265 11.63 0.15 19.04
C GLU A 265 12.70 1.20 18.73
N THR A 266 12.91 1.60 17.47
CA THR A 266 13.93 2.59 17.04
C THR A 266 13.31 3.99 16.92
N GLU A 267 14.17 5.01 16.84
CA GLU A 267 13.78 6.42 16.58
C GLU A 267 13.31 6.60 15.13
N MET A 268 13.67 5.68 14.22
CA MET A 268 13.18 5.72 12.80
C MET A 268 11.64 5.56 12.77
N TRP A 269 11.07 4.79 13.70
CA TRP A 269 9.62 4.45 13.69
C TRP A 269 8.77 5.73 13.68
N ALA A 270 9.18 6.76 14.44
CA ALA A 270 8.50 8.07 14.52
C ALA A 270 8.54 8.84 13.20
N GLU A 271 9.43 8.47 12.28
CA GLU A 271 9.61 9.17 10.98
C GLU A 271 8.94 8.41 9.82
N LEU A 272 8.43 7.19 10.06
CA LEU A 272 7.79 6.34 9.02
C LEU A 272 6.35 6.80 8.82
N CYS A 273 5.95 7.04 7.58
CA CYS A 273 4.54 7.29 7.24
C CYS A 273 3.73 6.01 7.52
N PRO A 274 2.45 6.16 7.90
CA PRO A 274 1.61 5.02 8.28
C PRO A 274 1.60 3.84 7.28
N SER A 275 1.60 4.10 5.96
CA SER A 275 1.53 2.99 4.97
C SER A 275 2.85 2.22 4.90
N ALA A 276 4.00 2.88 5.10
CA ALA A 276 5.29 2.18 5.22
C ALA A 276 5.33 1.38 6.53
N LYS A 277 4.82 1.91 7.65
CA LYS A 277 4.66 1.12 8.91
C LYS A 277 3.87 -0.17 8.63
N GLY A 278 2.81 -0.11 7.81
CA GLY A 278 2.01 -1.28 7.42
C GLY A 278 2.84 -2.34 6.70
N ALA A 279 3.66 -1.91 5.74
CA ALA A 279 4.55 -2.78 4.98
C ALA A 279 5.55 -3.48 5.91
N ILE A 280 6.11 -2.77 6.88
CA ILE A 280 7.13 -3.37 7.79
C ILE A 280 6.46 -4.35 8.77
N ILE A 281 5.30 -4.03 9.33
CA ILE A 281 4.55 -4.93 10.25
C ILE A 281 4.23 -6.24 9.50
N LEU A 282 3.70 -6.14 8.28
CA LEU A 282 3.36 -7.36 7.50
C LEU A 282 4.61 -8.13 7.09
N TYR A 283 5.70 -7.46 6.70
CA TYR A 283 6.97 -8.17 6.42
C TYR A 283 7.40 -8.98 7.66
N ASN A 284 7.40 -8.35 8.83
CA ASN A 284 7.84 -9.01 10.11
C ASN A 284 6.94 -10.21 10.44
N ARG A 285 5.63 -10.11 10.24
CA ARG A 285 4.68 -11.21 10.60
C ARG A 285 4.70 -12.33 9.58
N VAL A 286 4.85 -12.02 8.28
CA VAL A 286 4.59 -13.00 7.20
C VAL A 286 5.87 -13.55 6.59
N GLN A 287 6.90 -12.73 6.37
CA GLN A 287 8.20 -13.20 5.84
C GLN A 287 9.17 -13.51 7.00
N GLY A 288 9.26 -12.66 8.02
CA GLY A 288 9.95 -12.99 9.29
C GLY A 288 9.12 -13.99 10.12
N SER A 289 9.32 -14.04 11.44
CA SER A 289 8.57 -14.92 12.39
C SER A 289 8.57 -16.37 11.88
N PRO A 290 9.72 -17.07 11.92
CA PRO A 290 9.79 -18.45 11.41
C PRO A 290 8.99 -19.42 12.31
N THR A 291 8.50 -20.53 11.74
CA THR A 291 7.58 -21.49 12.41
C THR A 291 8.28 -22.84 12.63
N GLY A 292 9.41 -23.12 11.96
CA GLY A 292 10.09 -24.43 12.01
C GLY A 292 11.24 -24.49 13.03
N ALA A 293 11.71 -25.71 13.34
CA ALA A 293 12.72 -26.00 14.39
C ALA A 293 14.06 -25.33 14.06
N ALA A 294 14.53 -25.43 12.80
CA ALA A 294 15.86 -24.90 12.37
C ALA A 294 15.91 -23.36 12.52
N LEU A 295 15.05 -22.61 11.80
CA LEU A 295 15.09 -21.11 11.78
C LEU A 295 14.62 -20.57 13.15
N GLY A 296 13.89 -21.39 13.91
CA GLY A 296 13.37 -21.04 15.24
C GLY A 296 14.37 -21.28 16.37
N SER A 297 15.51 -21.96 16.12
CA SER A 297 16.58 -22.24 17.13
C SER A 297 17.17 -20.94 17.70
N PRO A 298 17.49 -20.85 19.02
CA PRO A 298 18.00 -19.61 19.63
C PRO A 298 19.13 -18.83 18.93
N ALA A 299 20.12 -19.51 18.34
CA ALA A 299 21.27 -18.87 17.64
C ALA A 299 20.79 -18.13 16.37
N LEU A 300 19.76 -18.64 15.68
CA LEU A 300 19.22 -18.03 14.45
C LEU A 300 18.08 -17.06 14.79
N LEU A 301 17.36 -17.26 15.91
CA LEU A 301 16.26 -16.35 16.33
C LEU A 301 16.53 -15.93 17.77
N PRO A 302 17.39 -14.92 17.98
CA PRO A 302 17.80 -14.54 19.34
C PRO A 302 16.63 -13.97 20.13
N PRO A 303 16.46 -14.40 21.42
CA PRO A 303 15.40 -13.87 22.28
C PRO A 303 15.51 -12.36 22.59
N LEU A 304 14.36 -11.68 22.56
CA LEU A 304 14.13 -10.29 23.03
C LEU A 304 14.41 -9.31 21.90
N1 RY4 B . 2.17 8.02 -8.52
C4 RY4 B . 1.67 4.40 -8.75
C5 RY4 B . 0.60 4.28 -9.62
C6 RY4 B . 0.04 5.44 -10.14
C7 RY4 B . 0.54 6.69 -9.79
C8 RY4 B . 0.11 2.91 -9.98
C1 RY4 B . 3.94 9.96 -9.20
C2 RY4 B . 1.60 6.79 -8.91
C3 RY4 B . 2.16 5.64 -8.39
N2 RY4 B . -0.57 2.85 -11.26
O1 RY4 B . 4.15 8.46 -7.13
O2 RY4 B . 4.43 7.43 -9.33
S1 RY4 B . 3.76 8.38 -8.49
N1 RY4 C . 19.10 -10.37 15.32
C4 RY4 C . 18.07 -13.15 13.11
C5 RY4 C . 16.90 -12.66 12.55
C6 RY4 C . 16.46 -11.40 12.91
C7 RY4 C . 17.18 -10.64 13.82
C8 RY4 C . 16.12 -13.49 11.56
C1 RY4 C . 17.03 -9.60 16.91
C2 RY4 C . 18.34 -11.14 14.39
C3 RY4 C . 18.79 -12.40 14.03
N2 RY4 C . 16.80 -13.57 10.29
O1 RY4 C . 19.50 -9.55 17.59
O2 RY4 C . 18.74 -7.99 15.86
S1 RY4 C . 18.68 -9.29 16.46
S DMS D . 13.36 18.93 0.04
O DMS D . 14.66 19.04 -0.70
C1 DMS D . 13.76 18.18 1.60
C2 DMS D . 12.99 20.55 0.65
S DMS E . 9.88 -9.73 -14.13
O DMS E . 11.16 -9.29 -14.76
C1 DMS E . 9.61 -8.63 -12.76
C2 DMS E . 8.57 -9.16 -15.18
S DMS F . -30.63 2.80 9.70
O DMS F . -30.88 1.39 10.19
C1 DMS F . -30.16 2.62 8.02
C2 DMS F . -32.22 3.54 9.43
S DMS G . 3.86 3.32 0.83
O DMS G . 3.08 4.46 1.40
C1 DMS G . 2.91 1.82 1.12
C2 DMS G . 3.67 3.44 -0.91
#